data_9BF0
#
_entry.id   9BF0
#
_cell.length_a   40.106
_cell.length_b   46.511
_cell.length_c   65.240
_cell.angle_alpha   87.78
_cell.angle_beta   74.53
_cell.angle_gamma   85.41
#
_symmetry.space_group_name_H-M   'P 1'
#
loop_
_entity.id
_entity.type
_entity.pdbx_description
1 polymer 'Protein argonaute-2'
2 non-polymer "URIDINE 5'-TRIPHOSPHATE"
3 water water
#
_entity_poly.entity_id   1
_entity_poly.type   'polypeptide(L)'
_entity_poly.pdbx_seq_one_letter_code
;FHTGIEIKVWAIACFAPQRQCTEVHLKSFTEQLRKISRDAGMPIQGQPCFCKYAQGADSVEPMFRHLKNTYAGLQLVVVI
LPGKTPVYAEVKRVGDTVLGMATQCVQMKNVQRTTPQTLSNLCLKINVKLGGVN
;
_entity_poly.pdbx_strand_id   A,B,C
#
loop_
_chem_comp.id
_chem_comp.type
_chem_comp.name
_chem_comp.formula
UTP non-polymer 'URIDINE 5'-TRIPHOSPHATE' 'C9 H15 N2 O15 P3'
#
# COMPACT_ATOMS: atom_id res chain seq x y z
N PHE A 1 -14.34 8.45 -12.90
CA PHE A 1 -13.52 8.88 -11.77
C PHE A 1 -13.75 10.35 -11.45
N HIS A 2 -13.94 10.66 -10.17
CA HIS A 2 -14.15 12.02 -9.70
C HIS A 2 -12.86 12.58 -9.12
N THR A 3 -12.50 13.78 -9.56
CA THR A 3 -11.34 14.46 -9.01
C THR A 3 -11.76 15.32 -7.81
N GLY A 4 -10.78 15.80 -7.07
CA GLY A 4 -11.03 16.77 -6.04
C GLY A 4 -11.61 16.24 -4.74
N ILE A 5 -11.70 14.92 -4.56
CA ILE A 5 -12.10 14.35 -3.28
C ILE A 5 -10.91 14.36 -2.34
N GLU A 6 -11.16 14.72 -1.08
CA GLU A 6 -10.15 14.64 -0.03
C GLU A 6 -10.80 14.01 1.19
N ILE A 7 -10.25 12.90 1.66
CA ILE A 7 -10.82 12.18 2.80
C ILE A 7 -9.99 12.56 4.02
N LYS A 8 -10.53 13.47 4.82
CA LYS A 8 -9.86 14.01 6.00
C LYS A 8 -10.20 13.24 7.28
N VAL A 9 -11.46 12.85 7.45
CA VAL A 9 -11.94 12.21 8.68
C VAL A 9 -12.52 10.85 8.29
N TRP A 10 -11.88 9.77 8.74
CA TRP A 10 -12.34 8.44 8.38
C TRP A 10 -11.97 7.47 9.49
N ALA A 11 -12.65 6.31 9.50
CA ALA A 11 -12.53 5.36 10.59
C ALA A 11 -12.42 3.94 10.03
N ILE A 12 -11.85 3.06 10.84
CA ILE A 12 -11.76 1.64 10.52
C ILE A 12 -12.52 0.86 11.59
N ALA A 13 -13.40 -0.04 11.17
CA ALA A 13 -14.12 -0.94 12.07
C ALA A 13 -13.80 -2.35 11.60
N CYS A 14 -12.97 -3.05 12.37
CA CYS A 14 -12.49 -4.37 11.93
C CYS A 14 -13.31 -5.46 12.60
N PHE A 15 -14.20 -6.10 11.83
CA PHE A 15 -14.99 -7.21 12.32
C PHE A 15 -14.33 -8.56 12.09
N ALA A 16 -13.11 -8.57 11.55
CA ALA A 16 -12.29 -9.76 11.49
C ALA A 16 -11.53 -9.95 12.81
N PRO A 17 -11.26 -11.19 13.21
CA PRO A 17 -10.55 -11.44 14.47
C PRO A 17 -9.17 -10.81 14.47
N GLN A 18 -8.82 -10.18 15.60
CA GLN A 18 -7.51 -9.58 15.71
C GLN A 18 -6.40 -10.60 15.53
N ARG A 19 -6.64 -11.85 15.91
CA ARG A 19 -5.58 -12.85 15.78
C ARG A 19 -5.29 -13.18 14.32
N GLN A 20 -6.22 -12.88 13.41
CA GLN A 20 -6.00 -13.07 11.98
C GLN A 20 -5.60 -11.79 11.29
N CYS A 21 -6.11 -10.67 11.76
CA CYS A 21 -5.96 -9.36 11.13
C CYS A 21 -5.42 -8.41 12.21
N THR A 22 -4.11 -8.48 12.45
CA THR A 22 -3.52 -7.80 13.59
C THR A 22 -3.38 -6.30 13.34
N GLU A 23 -3.04 -5.58 14.41
CA GLU A 23 -2.89 -4.12 14.31
C GLU A 23 -1.83 -3.75 13.28
N VAL A 24 -0.72 -4.49 13.21
CA VAL A 24 0.29 -4.13 12.23
C VAL A 24 -0.21 -4.45 10.82
N HIS A 25 -1.08 -5.45 10.67
CA HIS A 25 -1.71 -5.64 9.37
C HIS A 25 -2.57 -4.43 9.01
N LEU A 26 -3.36 -3.94 9.97
CA LEU A 26 -4.20 -2.78 9.71
C LEU A 26 -3.37 -1.54 9.39
N LYS A 27 -2.29 -1.30 10.14
CA LYS A 27 -1.50 -0.10 9.92
C LYS A 27 -0.74 -0.16 8.59
N SER A 28 -0.24 -1.34 8.22
CA SER A 28 0.43 -1.48 6.93
C SER A 28 -0.55 -1.31 5.78
N PHE A 29 -1.74 -1.91 5.90
CA PHE A 29 -2.79 -1.71 4.92
C PHE A 29 -3.12 -0.24 4.78
N THR A 30 -3.25 0.47 5.91
CA THR A 30 -3.61 1.88 5.87
C THR A 30 -2.60 2.70 5.07
N GLU A 31 -1.30 2.43 5.23
CA GLU A 31 -0.30 3.23 4.53
C GLU A 31 -0.31 2.95 3.03
N GLN A 32 -0.51 1.69 2.64
CA GLN A 32 -0.60 1.33 1.23
C GLN A 32 -1.83 1.97 0.60
N LEU A 33 -2.94 1.99 1.31
CA LEU A 33 -4.14 2.63 0.81
C LEU A 33 -3.95 4.13 0.67
N ARG A 34 -3.32 4.77 1.68
CA ARG A 34 -3.05 6.19 1.60
C ARG A 34 -2.18 6.52 0.39
N LYS A 35 -1.19 5.68 0.11
CA LYS A 35 -0.26 5.95 -0.99
C LYS A 35 -0.97 5.93 -2.34
N ILE A 36 -1.69 4.85 -2.63
CA ILE A 36 -2.31 4.75 -3.95
C ILE A 36 -3.43 5.78 -4.10
N SER A 37 -4.14 6.09 -3.01
CA SER A 37 -5.22 7.07 -3.11
C SER A 37 -4.67 8.47 -3.36
N ARG A 38 -3.54 8.79 -2.73
CA ARG A 38 -2.87 10.05 -3.01
C ARG A 38 -2.37 10.11 -4.45
N ASP A 39 -1.75 9.03 -4.93
CA ASP A 39 -1.24 9.05 -6.31
C ASP A 39 -2.37 9.23 -7.32
N ALA A 40 -3.53 8.63 -7.05
CA ALA A 40 -4.67 8.71 -7.94
C ALA A 40 -5.48 9.99 -7.78
N GLY A 41 -5.07 10.90 -6.89
CA GLY A 41 -5.76 12.17 -6.75
C GLY A 41 -7.03 12.11 -5.93
N MET A 42 -7.20 11.11 -5.07
CA MET A 42 -8.27 11.09 -4.09
C MET A 42 -7.69 10.80 -2.70
N PRO A 43 -6.86 11.69 -2.18
CA PRO A 43 -6.04 11.35 -1.01
C PRO A 43 -6.87 11.07 0.23
N ILE A 44 -6.63 9.91 0.82
CA ILE A 44 -7.09 9.55 2.16
C ILE A 44 -6.03 10.07 3.12
N GLN A 45 -6.29 11.24 3.70
CA GLN A 45 -5.27 11.96 4.46
C GLN A 45 -5.28 11.55 5.92
N GLY A 46 -4.09 11.49 6.50
CA GLY A 46 -3.92 11.20 7.91
C GLY A 46 -4.29 9.78 8.32
N GLN A 47 -3.98 9.44 9.57
CA GLN A 47 -4.45 8.20 10.16
C GLN A 47 -5.95 8.29 10.40
N PRO A 48 -6.62 7.13 10.52
CA PRO A 48 -8.05 7.17 10.86
C PRO A 48 -8.25 7.75 12.24
N CYS A 49 -9.40 8.41 12.42
CA CYS A 49 -9.72 8.98 13.73
C CYS A 49 -10.09 7.91 14.75
N PHE A 50 -10.27 6.69 14.31
CA PHE A 50 -10.86 5.62 15.11
C PHE A 50 -10.49 4.31 14.43
N CYS A 51 -9.99 3.35 15.18
CA CYS A 51 -9.68 2.04 14.61
C CYS A 51 -9.87 1.00 15.71
N LYS A 52 -10.95 0.23 15.64
CA LYS A 52 -11.27 -0.70 16.71
C LYS A 52 -11.82 -2.01 16.14
N TYR A 53 -11.64 -3.07 16.92
CA TYR A 53 -12.17 -4.39 16.62
C TYR A 53 -13.57 -4.56 17.21
N ALA A 54 -14.40 -5.31 16.49
CA ALA A 54 -15.71 -5.70 16.99
C ALA A 54 -16.02 -7.08 16.46
N GLN A 55 -17.00 -7.74 17.08
CA GLN A 55 -17.44 -9.07 16.66
C GLN A 55 -18.96 -9.09 16.57
N GLY A 56 -19.49 -9.58 15.45
CA GLY A 56 -20.90 -9.87 15.36
C GLY A 56 -21.72 -8.78 14.72
N ALA A 57 -22.72 -9.17 13.94
CA ALA A 57 -23.65 -8.18 13.40
C ALA A 57 -24.30 -7.36 14.49
N ASP A 58 -24.49 -7.94 15.68
CA ASP A 58 -25.17 -7.21 16.75
C ASP A 58 -24.31 -6.06 17.30
N SER A 59 -23.03 -6.00 16.96
CA SER A 59 -22.17 -4.91 17.40
C SER A 59 -22.14 -3.75 16.43
N VAL A 60 -22.78 -3.89 15.26
CA VAL A 60 -22.63 -2.87 14.22
C VAL A 60 -23.34 -1.59 14.63
N GLU A 61 -24.64 -1.66 14.93
CA GLU A 61 -25.38 -0.43 15.22
C GLU A 61 -24.81 0.32 16.42
N PRO A 62 -24.50 -0.30 17.56
CA PRO A 62 -23.91 0.48 18.66
C PRO A 62 -22.61 1.16 18.28
N MET A 63 -21.73 0.48 17.53
CA MET A 63 -20.46 1.09 17.16
C MET A 63 -20.67 2.25 16.19
N PHE A 64 -21.53 2.05 15.18
CA PHE A 64 -21.77 3.11 14.20
C PHE A 64 -22.47 4.32 14.83
N ARG A 65 -23.38 4.09 15.78
CA ARG A 65 -23.99 5.22 16.49
C ARG A 65 -22.93 6.02 17.24
N HIS A 66 -22.00 5.32 17.90
CA HIS A 66 -20.91 6.01 18.59
C HIS A 66 -20.09 6.84 17.61
N LEU A 67 -19.74 6.26 16.46
CA LEU A 67 -18.94 6.98 15.47
C LEU A 67 -19.66 8.24 14.99
N LYS A 68 -20.94 8.11 14.65
CA LYS A 68 -21.69 9.27 14.17
C LYS A 68 -21.77 10.35 15.23
N ASN A 69 -22.01 9.97 16.48
CA ASN A 69 -22.15 10.95 17.56
C ASN A 69 -20.82 11.57 17.95
N THR A 70 -19.72 10.85 17.77
CA THR A 70 -18.42 11.29 18.28
C THR A 70 -17.61 12.11 17.28
N TYR A 71 -17.68 11.80 15.99
CA TYR A 71 -16.77 12.41 15.02
C TYR A 71 -17.61 13.22 14.03
N ALA A 72 -17.81 14.51 14.33
CA ALA A 72 -18.43 15.40 13.36
C ALA A 72 -17.59 15.43 12.08
N GLY A 73 -18.27 15.49 10.94
CA GLY A 73 -17.53 15.51 9.69
C GLY A 73 -16.90 14.19 9.29
N LEU A 74 -17.19 13.10 10.00
CA LEU A 74 -16.79 11.77 9.53
C LEU A 74 -17.30 11.55 8.11
N GLN A 75 -16.39 11.13 7.21
CA GLN A 75 -16.70 10.98 5.80
C GLN A 75 -16.86 9.53 5.35
N LEU A 76 -16.29 8.58 6.08
CA LEU A 76 -16.22 7.21 5.60
C LEU A 76 -15.85 6.29 6.75
N VAL A 77 -16.52 5.15 6.84
CA VAL A 77 -16.07 4.05 7.69
C VAL A 77 -15.65 2.89 6.81
N VAL A 78 -14.37 2.50 6.92
CA VAL A 78 -13.86 1.30 6.25
C VAL A 78 -14.11 0.12 7.17
N VAL A 79 -14.87 -0.87 6.68
CA VAL A 79 -15.29 -2.01 7.48
C VAL A 79 -14.57 -3.26 6.97
N ILE A 80 -13.85 -3.94 7.85
CA ILE A 80 -13.14 -5.17 7.50
C ILE A 80 -14.03 -6.35 7.84
N LEU A 81 -14.33 -7.22 6.84
CA LEU A 81 -15.27 -8.33 6.99
C LEU A 81 -14.56 -9.68 7.05
N PRO A 82 -14.94 -10.56 7.99
CA PRO A 82 -14.36 -11.92 8.06
C PRO A 82 -15.03 -12.91 7.10
N GLY A 83 -14.80 -12.72 5.81
CA GLY A 83 -15.48 -13.59 4.85
C GLY A 83 -16.95 -13.26 4.68
N LYS A 84 -17.71 -14.27 4.24
CA LYS A 84 -19.15 -14.15 4.07
C LYS A 84 -19.82 -14.13 5.44
N THR A 85 -20.61 -13.10 5.72
CA THR A 85 -21.07 -12.88 7.08
C THR A 85 -22.32 -12.01 7.09
N PRO A 86 -23.24 -12.24 8.02
CA PRO A 86 -24.36 -11.30 8.21
C PRO A 86 -23.92 -9.90 8.58
N VAL A 87 -22.63 -9.69 8.90
CA VAL A 87 -22.15 -8.36 9.21
C VAL A 87 -22.36 -7.43 8.01
N TYR A 88 -22.15 -7.93 6.79
CA TYR A 88 -22.25 -7.06 5.62
C TYR A 88 -23.62 -6.45 5.49
N ALA A 89 -24.67 -7.29 5.52
CA ALA A 89 -26.03 -6.77 5.37
C ALA A 89 -26.39 -5.78 6.48
N GLU A 90 -25.91 -6.03 7.70
CA GLU A 90 -26.22 -5.12 8.81
C GLU A 90 -25.46 -3.80 8.67
N VAL A 91 -24.21 -3.86 8.20
CA VAL A 91 -23.45 -2.65 7.91
C VAL A 91 -24.18 -1.79 6.89
N LYS A 92 -24.68 -2.39 5.81
CA LYS A 92 -25.40 -1.61 4.81
C LYS A 92 -26.72 -1.08 5.36
N ARG A 93 -27.46 -1.89 6.11
CA ARG A 93 -28.71 -1.42 6.73
C ARG A 93 -28.45 -0.23 7.66
N VAL A 94 -27.54 -0.41 8.61
CA VAL A 94 -27.28 0.66 9.58
C VAL A 94 -26.68 1.88 8.89
N GLY A 95 -25.72 1.67 7.99
CA GLY A 95 -25.05 2.79 7.35
C GLY A 95 -25.94 3.53 6.36
N ASP A 96 -26.58 2.79 5.44
CA ASP A 96 -27.32 3.43 4.36
C ASP A 96 -28.70 3.88 4.80
N THR A 97 -29.33 3.19 5.74
CA THR A 97 -30.73 3.43 6.06
C THR A 97 -30.98 4.00 7.45
N VAL A 98 -30.32 3.48 8.48
CA VAL A 98 -30.60 3.93 9.84
C VAL A 98 -29.91 5.27 10.13
N LEU A 99 -28.61 5.36 9.81
CA LEU A 99 -27.82 6.49 10.28
C LEU A 99 -27.34 7.44 9.17
N GLY A 100 -27.28 6.98 7.91
CA GLY A 100 -26.80 7.85 6.85
C GLY A 100 -25.30 8.12 6.91
N MET A 101 -24.51 7.06 6.90
CA MET A 101 -23.05 7.13 7.02
C MET A 101 -22.44 6.31 5.90
N ALA A 102 -21.57 6.93 5.11
CA ALA A 102 -20.93 6.19 4.02
C ALA A 102 -20.00 5.13 4.59
N THR A 103 -20.13 3.90 4.07
CA THR A 103 -19.26 2.79 4.47
C THR A 103 -18.69 2.11 3.25
N GLN A 104 -17.52 1.51 3.42
CA GLN A 104 -16.90 0.71 2.38
C GLN A 104 -16.34 -0.56 2.99
N CYS A 105 -16.87 -1.70 2.58
CA CYS A 105 -16.42 -2.98 3.12
C CYS A 105 -15.23 -3.49 2.33
N VAL A 106 -14.36 -4.23 3.02
CA VAL A 106 -13.22 -4.88 2.39
C VAL A 106 -13.02 -6.23 3.07
N GLN A 107 -12.69 -7.23 2.28
CA GLN A 107 -12.50 -8.56 2.84
C GLN A 107 -11.21 -8.64 3.65
N MET A 108 -11.26 -9.35 4.77
CA MET A 108 -10.10 -9.54 5.64
C MET A 108 -8.88 -9.99 4.84
N LYS A 109 -9.07 -10.89 3.88
CA LYS A 109 -7.92 -11.45 3.16
C LYS A 109 -7.17 -10.38 2.38
N ASN A 110 -7.87 -9.34 1.94
CA ASN A 110 -7.22 -8.26 1.21
C ASN A 110 -6.55 -7.24 2.13
N VAL A 111 -6.82 -7.30 3.43
CA VAL A 111 -6.03 -6.57 4.41
C VAL A 111 -4.81 -7.38 4.84
N GLN A 112 -4.99 -8.69 5.06
CA GLN A 112 -3.87 -9.54 5.40
C GLN A 112 -2.83 -9.57 4.28
N ARG A 113 -3.29 -9.61 3.03
CA ARG A 113 -2.43 -9.73 1.85
C ARG A 113 -2.84 -8.65 0.85
N THR A 114 -2.33 -7.44 1.04
CA THR A 114 -2.64 -6.34 0.14
C THR A 114 -1.94 -6.53 -1.21
N THR A 115 -2.63 -6.12 -2.27
CA THR A 115 -2.07 -6.07 -3.62
C THR A 115 -2.53 -4.77 -4.25
N PRO A 116 -1.79 -4.25 -5.24
CA PRO A 116 -2.23 -3.02 -5.91
C PRO A 116 -3.61 -3.15 -6.53
N GLN A 117 -3.93 -4.31 -7.11
CA GLN A 117 -5.23 -4.51 -7.74
C GLN A 117 -6.38 -4.43 -6.73
N THR A 118 -6.23 -5.04 -5.55
CA THR A 118 -7.34 -4.97 -4.61
C THR A 118 -7.44 -3.60 -3.95
N LEU A 119 -6.31 -2.92 -3.74
CA LEU A 119 -6.38 -1.54 -3.26
C LEU A 119 -7.04 -0.64 -4.30
N SER A 120 -6.73 -0.86 -5.57
CA SER A 120 -7.37 -0.10 -6.65
C SER A 120 -8.88 -0.31 -6.66
N ASN A 121 -9.32 -1.57 -6.54
CA ASN A 121 -10.75 -1.86 -6.44
C ASN A 121 -11.40 -1.04 -5.34
N LEU A 122 -10.75 -0.99 -4.17
CA LEU A 122 -11.28 -0.26 -3.03
C LEU A 122 -11.37 1.24 -3.33
N CYS A 123 -10.31 1.82 -3.88
CA CYS A 123 -10.33 3.24 -4.20
C CYS A 123 -11.46 3.59 -5.17
N LEU A 124 -11.65 2.76 -6.18
CA LEU A 124 -12.70 3.04 -7.16
C LEU A 124 -14.07 3.01 -6.52
N LYS A 125 -14.32 2.06 -5.61
CA LYS A 125 -15.60 2.02 -4.92
C LYS A 125 -15.77 3.23 -4.01
N ILE A 126 -14.70 3.63 -3.33
CA ILE A 126 -14.79 4.79 -2.45
C ILE A 126 -15.04 6.04 -3.28
N ASN A 127 -14.42 6.09 -4.47
CA ASN A 127 -14.57 7.25 -5.34
C ASN A 127 -16.01 7.39 -5.83
N VAL A 128 -16.64 6.30 -6.22
CA VAL A 128 -18.06 6.34 -6.61
C VAL A 128 -18.91 6.85 -5.46
N LYS A 129 -18.69 6.32 -4.25
CA LYS A 129 -19.55 6.61 -3.12
C LYS A 129 -19.42 8.06 -2.66
N LEU A 130 -18.20 8.60 -2.63
CA LEU A 130 -18.03 9.96 -2.15
C LEU A 130 -18.13 10.99 -3.26
N GLY A 131 -17.95 10.60 -4.51
CA GLY A 131 -18.05 11.53 -5.62
C GLY A 131 -19.47 11.91 -5.95
N PHE B 1 2.61 4.31 10.78
CA PHE B 1 3.46 3.21 10.35
C PHE B 1 4.45 3.66 9.28
N HIS B 2 5.73 3.35 9.48
CA HIS B 2 6.78 3.77 8.56
C HIS B 2 7.05 2.68 7.53
N THR B 3 6.98 3.05 6.26
CA THR B 3 7.41 2.16 5.19
C THR B 3 8.88 2.39 4.90
N GLY B 4 9.50 1.41 4.24
CA GLY B 4 10.89 1.55 3.83
C GLY B 4 11.92 1.19 4.88
N ILE B 5 11.51 0.69 6.05
CA ILE B 5 12.48 0.17 7.01
C ILE B 5 12.90 -1.22 6.57
N GLU B 6 14.21 -1.47 6.58
CA GLU B 6 14.76 -2.81 6.40
C GLU B 6 15.75 -3.08 7.53
N ILE B 7 15.57 -4.19 8.22
CA ILE B 7 16.46 -4.56 9.32
C ILE B 7 17.42 -5.62 8.80
N LYS B 8 18.67 -5.24 8.60
CA LYS B 8 19.69 -6.10 8.03
C LYS B 8 20.64 -6.67 9.08
N VAL B 9 20.99 -5.91 10.11
CA VAL B 9 21.93 -6.36 11.14
C VAL B 9 21.25 -6.23 12.51
N TRP B 10 20.96 -7.36 13.14
CA TRP B 10 20.30 -7.32 14.44
C TRP B 10 20.77 -8.52 15.26
N ALA B 11 20.62 -8.39 16.58
CA ALA B 11 21.07 -9.41 17.53
C ALA B 11 19.94 -9.74 18.50
N ILE B 12 20.04 -10.91 19.11
CA ILE B 12 19.17 -11.32 20.20
C ILE B 12 20.03 -11.61 21.42
N ALA B 13 19.63 -11.05 22.56
CA ALA B 13 20.25 -11.33 23.85
C ALA B 13 19.16 -11.83 24.78
N CYS B 14 19.25 -13.09 25.21
CA CYS B 14 18.18 -13.72 25.96
C CYS B 14 18.59 -13.81 27.43
N PHE B 15 18.00 -12.96 28.27
CA PHE B 15 18.31 -12.98 29.69
C PHE B 15 17.40 -13.94 30.47
N ALA B 16 16.45 -14.57 29.80
CA ALA B 16 15.66 -15.62 30.40
C ALA B 16 16.48 -16.91 30.44
N PRO B 17 16.28 -17.74 31.47
CA PRO B 17 17.07 -18.98 31.57
C PRO B 17 16.81 -19.89 30.37
N GLN B 18 17.88 -20.45 29.83
CA GLN B 18 17.74 -21.39 28.71
C GLN B 18 16.77 -22.52 29.03
N ARG B 19 16.73 -22.98 30.28
CA ARG B 19 15.84 -24.10 30.59
C ARG B 19 14.37 -23.71 30.49
N GLN B 20 14.05 -22.42 30.56
CA GLN B 20 12.67 -21.98 30.40
C GLN B 20 12.39 -21.46 29.00
N CYS B 21 13.40 -20.91 28.32
CA CYS B 21 13.24 -20.32 26.99
C CYS B 21 14.34 -20.94 26.13
N THR B 22 14.04 -22.07 25.50
CA THR B 22 15.07 -22.90 24.87
C THR B 22 15.44 -22.34 23.50
N GLU B 23 16.46 -22.95 22.89
CA GLU B 23 16.87 -22.54 21.54
C GLU B 23 15.74 -22.69 20.53
N VAL B 24 14.94 -23.76 20.64
CA VAL B 24 13.86 -23.91 19.65
C VAL B 24 12.79 -22.83 19.85
N HIS B 25 12.52 -22.41 21.09
CA HIS B 25 11.64 -21.26 21.30
C HIS B 25 12.21 -20.02 20.62
N LEU B 26 13.52 -19.78 20.79
CA LEU B 26 14.14 -18.59 20.21
C LEU B 26 14.10 -18.63 18.68
N LYS B 27 14.40 -19.79 18.08
CA LYS B 27 14.41 -19.86 16.63
C LYS B 27 13.01 -19.77 16.05
N SER B 28 12.01 -20.34 16.73
CA SER B 28 10.64 -20.20 16.28
C SER B 28 10.19 -18.75 16.34
N PHE B 29 10.39 -18.12 17.50
CA PHE B 29 10.06 -16.71 17.67
C PHE B 29 10.73 -15.86 16.61
N THR B 30 12.01 -16.11 16.35
CA THR B 30 12.75 -15.37 15.32
C THR B 30 12.05 -15.48 13.97
N GLU B 31 11.73 -16.71 13.54
CA GLU B 31 11.17 -16.88 12.21
C GLU B 31 9.76 -16.32 12.13
N GLN B 32 8.98 -16.44 13.21
CA GLN B 32 7.63 -15.89 13.21
C GLN B 32 7.67 -14.36 13.15
N LEU B 33 8.61 -13.75 13.88
CA LEU B 33 8.80 -12.30 13.79
C LEU B 33 9.23 -11.88 12.40
N ARG B 34 10.16 -12.62 11.77
CA ARG B 34 10.58 -12.25 10.42
C ARG B 34 9.41 -12.32 9.45
N LYS B 35 8.55 -13.31 9.61
CA LYS B 35 7.44 -13.48 8.66
C LYS B 35 6.45 -12.33 8.75
N ILE B 36 6.05 -11.95 9.96
CA ILE B 36 5.03 -10.91 10.10
C ILE B 36 5.61 -9.54 9.77
N SER B 37 6.88 -9.31 10.08
CA SER B 37 7.50 -8.02 9.74
C SER B 37 7.62 -7.86 8.23
N ARG B 38 7.92 -8.95 7.51
CA ARG B 38 7.90 -8.89 6.05
C ARG B 38 6.49 -8.65 5.51
N ASP B 39 5.50 -9.36 6.08
CA ASP B 39 4.11 -9.12 5.69
C ASP B 39 3.73 -7.65 5.81
N ALA B 40 4.22 -6.98 6.83
CA ALA B 40 3.89 -5.59 7.12
C ALA B 40 4.73 -4.58 6.35
N GLY B 41 5.72 -5.03 5.59
CA GLY B 41 6.54 -4.10 4.84
C GLY B 41 7.73 -3.57 5.59
N MET B 42 8.12 -4.20 6.69
CA MET B 42 9.36 -3.89 7.42
CA MET B 42 9.36 -3.89 7.42
C MET B 42 10.18 -5.17 7.50
N PRO B 43 10.74 -5.62 6.40
CA PRO B 43 11.41 -6.93 6.39
C PRO B 43 12.65 -6.96 7.28
N ILE B 44 12.78 -8.04 8.03
CA ILE B 44 14.01 -8.38 8.73
C ILE B 44 14.77 -9.33 7.83
N GLN B 45 15.86 -8.85 7.23
CA GLN B 45 16.35 -9.49 6.01
C GLN B 45 17.19 -10.74 6.25
N GLY B 46 17.59 -11.04 7.48
CA GLY B 46 18.34 -12.26 7.71
C GLY B 46 18.17 -12.74 9.13
N GLN B 47 18.82 -13.87 9.42
CA GLN B 47 18.93 -14.33 10.79
C GLN B 47 19.73 -13.31 11.61
N PRO B 48 19.53 -13.29 12.92
CA PRO B 48 20.34 -12.39 13.75
C PRO B 48 21.81 -12.74 13.63
N CYS B 49 22.65 -11.71 13.67
CA CYS B 49 24.09 -11.93 13.61
C CYS B 49 24.63 -12.56 14.89
N PHE B 50 23.83 -12.61 15.95
CA PHE B 50 24.26 -12.98 17.28
C PHE B 50 22.99 -13.37 18.04
N CYS B 51 23.03 -14.50 18.72
CA CYS B 51 21.87 -14.92 19.51
C CYS B 51 22.43 -15.75 20.66
N LYS B 52 22.50 -15.16 21.84
CA LYS B 52 23.14 -15.82 22.96
C LYS B 52 22.40 -15.54 24.25
N TYR B 53 22.60 -16.43 25.21
CA TYR B 53 22.04 -16.32 26.54
C TYR B 53 22.94 -15.46 27.41
N ALA B 54 22.33 -14.70 28.31
CA ALA B 54 23.04 -13.88 29.27
C ALA B 54 22.36 -14.07 30.62
N GLN B 55 23.11 -13.87 31.69
CA GLN B 55 22.51 -13.99 33.03
C GLN B 55 22.90 -12.78 33.87
N GLY B 56 21.90 -12.03 34.29
CA GLY B 56 22.08 -10.98 35.28
C GLY B 56 22.39 -9.64 34.66
N ALA B 57 22.03 -8.57 35.40
CA ALA B 57 22.29 -7.21 34.93
C ALA B 57 23.79 -6.96 34.72
N ASP B 58 24.65 -7.66 35.47
CA ASP B 58 26.10 -7.50 35.33
C ASP B 58 26.58 -7.86 33.93
N SER B 59 25.84 -8.70 33.20
CA SER B 59 26.25 -9.10 31.86
C SER B 59 25.86 -8.11 30.79
N VAL B 60 25.03 -7.11 31.10
CA VAL B 60 24.46 -6.24 30.06
C VAL B 60 25.55 -5.42 29.39
N GLU B 61 26.25 -4.59 30.16
CA GLU B 61 27.21 -3.67 29.54
C GLU B 61 28.34 -4.40 28.82
N PRO B 62 28.97 -5.46 29.39
CA PRO B 62 30.00 -6.16 28.61
C PRO B 62 29.45 -6.78 27.33
N MET B 63 28.23 -7.32 27.35
CA MET B 63 27.68 -7.94 26.15
C MET B 63 27.40 -6.88 25.09
N PHE B 64 26.81 -5.73 25.48
CA PHE B 64 26.50 -4.69 24.50
C PHE B 64 27.77 -4.05 23.94
N ARG B 65 28.78 -3.84 24.77
CA ARG B 65 30.05 -3.37 24.24
C ARG B 65 30.65 -4.36 23.26
N HIS B 66 30.54 -5.66 23.57
CA HIS B 66 31.00 -6.71 22.65
C HIS B 66 30.25 -6.63 21.33
N LEU B 67 28.93 -6.46 21.38
CA LEU B 67 28.15 -6.37 20.13
C LEU B 67 28.61 -5.17 19.31
N LYS B 68 28.73 -4.00 19.96
CA LYS B 68 29.17 -2.81 19.24
C LYS B 68 30.55 -3.00 18.62
N ASN B 69 31.42 -3.74 19.30
CA ASN B 69 32.79 -3.90 18.85
C ASN B 69 32.95 -5.04 17.84
N THR B 70 31.91 -5.83 17.61
CA THR B 70 32.01 -7.00 16.76
C THR B 70 31.18 -6.93 15.48
N TYR B 71 30.04 -6.25 15.49
CA TYR B 71 29.11 -6.29 14.36
C TYR B 71 28.87 -4.89 13.81
N ALA B 72 29.54 -4.59 12.69
CA ALA B 72 29.38 -3.30 12.04
C ALA B 72 27.93 -3.09 11.59
N GLY B 73 27.42 -1.88 11.80
CA GLY B 73 26.11 -1.55 11.30
C GLY B 73 24.94 -2.08 12.09
N LEU B 74 25.19 -2.57 13.31
CA LEU B 74 24.12 -3.12 14.15
C LEU B 74 22.98 -2.13 14.32
N GLN B 75 21.75 -2.56 14.02
CA GLN B 75 20.59 -1.68 14.05
C GLN B 75 19.74 -1.85 15.29
N LEU B 76 19.73 -3.04 15.90
CA LEU B 76 18.75 -3.34 16.92
C LEU B 76 19.22 -4.55 17.71
N VAL B 77 19.02 -4.50 19.02
CA VAL B 77 19.19 -5.68 19.88
C VAL B 77 17.82 -6.02 20.46
N VAL B 78 17.34 -7.22 20.20
CA VAL B 78 16.11 -7.71 20.81
C VAL B 78 16.48 -8.43 22.09
N VAL B 79 15.88 -8.00 23.20
CA VAL B 79 16.28 -8.45 24.54
C VAL B 79 15.12 -9.20 25.18
N ILE B 80 15.33 -10.48 25.50
CA ILE B 80 14.30 -11.31 26.12
C ILE B 80 14.45 -11.22 27.62
N LEU B 81 13.38 -10.82 28.33
CA LEU B 81 13.44 -10.64 29.77
C LEU B 81 12.59 -11.67 30.50
N PRO B 82 13.10 -12.25 31.60
CA PRO B 82 12.30 -13.19 32.44
C PRO B 82 11.41 -12.46 33.44
N GLY B 83 10.27 -11.96 32.96
CA GLY B 83 9.40 -11.26 33.89
C GLY B 83 9.97 -9.90 34.27
N LYS B 84 9.57 -9.43 35.45
CA LYS B 84 10.09 -8.17 35.98
C LYS B 84 11.47 -8.41 36.57
N THR B 85 12.45 -7.64 36.11
CA THR B 85 13.84 -7.91 36.45
C THR B 85 14.62 -6.61 36.42
N PRO B 86 15.63 -6.46 37.27
CA PRO B 86 16.52 -5.29 37.18
C PRO B 86 17.29 -5.25 35.87
N VAL B 87 17.26 -6.32 35.09
CA VAL B 87 17.94 -6.31 33.80
C VAL B 87 17.38 -5.20 32.91
N TYR B 88 16.06 -4.96 32.99
CA TYR B 88 15.43 -3.97 32.11
C TYR B 88 16.09 -2.59 32.25
N ALA B 89 16.17 -2.08 33.49
CA ALA B 89 16.75 -0.75 33.70
C ALA B 89 18.18 -0.68 33.19
N GLU B 90 18.96 -1.74 33.37
CA GLU B 90 20.35 -1.72 32.95
C GLU B 90 20.47 -1.77 31.42
N VAL B 91 19.60 -2.54 30.76
CA VAL B 91 19.60 -2.57 29.29
C VAL B 91 19.32 -1.17 28.73
N LYS B 92 18.33 -0.49 29.31
CA LYS B 92 18.01 0.86 28.86
C LYS B 92 19.07 1.86 29.28
N ARG B 93 19.70 1.68 30.45
CA ARG B 93 20.78 2.58 30.85
C ARG B 93 21.92 2.52 29.83
N VAL B 94 22.37 1.30 29.50
CA VAL B 94 23.50 1.15 28.58
C VAL B 94 23.09 1.54 27.16
N GLY B 95 21.94 1.05 26.72
CA GLY B 95 21.53 1.29 25.34
C GLY B 95 21.19 2.74 25.06
N ASP B 96 20.39 3.35 25.94
CA ASP B 96 19.91 4.70 25.69
C ASP B 96 20.86 5.80 26.16
N THR B 97 21.68 5.57 27.20
CA THR B 97 22.49 6.66 27.74
C THR B 97 24.00 6.44 27.71
N VAL B 98 24.49 5.23 27.41
CA VAL B 98 25.93 4.94 27.36
C VAL B 98 26.41 4.73 25.94
N LEU B 99 25.86 3.74 25.22
CA LEU B 99 26.37 3.34 23.92
C LEU B 99 25.53 3.79 22.73
N GLY B 100 24.31 4.27 22.95
CA GLY B 100 23.49 4.71 21.83
C GLY B 100 23.10 3.57 20.92
N MET B 101 22.62 2.47 21.51
CA MET B 101 22.23 1.28 20.76
C MET B 101 20.73 1.05 20.96
N ALA B 102 19.99 0.99 19.86
CA ALA B 102 18.56 0.73 19.95
C ALA B 102 18.30 -0.67 20.51
N THR B 103 17.43 -0.76 21.50
CA THR B 103 17.03 -2.03 22.08
C THR B 103 15.52 -2.14 22.09
N GLN B 104 15.02 -3.37 22.00
CA GLN B 104 13.61 -3.68 22.13
C GLN B 104 13.46 -4.88 23.04
N CYS B 105 12.79 -4.71 24.18
CA CYS B 105 12.62 -5.80 25.12
C CYS B 105 11.32 -6.55 24.84
N VAL B 106 11.30 -7.83 25.18
CA VAL B 106 10.13 -8.67 25.02
C VAL B 106 10.10 -9.66 26.17
N GLN B 107 8.89 -9.96 26.64
CA GLN B 107 8.73 -10.86 27.78
C GLN B 107 8.96 -12.30 27.37
N MET B 108 9.62 -13.05 28.24
CA MET B 108 9.91 -14.46 27.98
C MET B 108 8.66 -15.24 27.58
N LYS B 109 7.52 -14.95 28.24
CA LYS B 109 6.32 -15.75 27.98
C LYS B 109 5.83 -15.58 26.55
N ASN B 110 6.11 -14.44 25.91
CA ASN B 110 5.72 -14.23 24.52
C ASN B 110 6.73 -14.81 23.54
N VAL B 111 7.84 -15.34 24.01
CA VAL B 111 8.77 -16.11 23.18
C VAL B 111 8.54 -17.61 23.34
N GLN B 112 8.21 -18.05 24.56
CA GLN B 112 7.83 -19.45 24.78
C GLN B 112 6.63 -19.83 23.94
N ARG B 113 5.66 -18.92 23.80
CA ARG B 113 4.48 -19.14 22.98
C ARG B 113 4.11 -17.82 22.32
N THR B 114 4.31 -17.71 21.01
CA THR B 114 3.95 -16.49 20.32
C THR B 114 2.45 -16.47 20.04
N THR B 115 1.90 -15.28 19.87
CA THR B 115 0.60 -15.07 19.27
C THR B 115 0.74 -14.03 18.18
N PRO B 116 -0.16 -14.01 17.19
CA PRO B 116 -0.10 -12.94 16.19
C PRO B 116 -0.20 -11.55 16.80
N GLN B 117 -1.01 -11.39 17.84
CA GLN B 117 -1.17 -10.07 18.47
C GLN B 117 0.12 -9.62 19.15
N THR B 118 0.82 -10.52 19.85
CA THR B 118 2.03 -10.08 20.53
C THR B 118 3.19 -9.88 19.56
N LEU B 119 3.27 -10.67 18.49
CA LEU B 119 4.24 -10.38 17.43
C LEU B 119 3.95 -9.03 16.78
N SER B 120 2.66 -8.73 16.58
CA SER B 120 2.28 -7.42 16.03
C SER B 120 2.70 -6.30 16.96
N ASN B 121 2.43 -6.44 18.26
CA ASN B 121 2.85 -5.45 19.24
C ASN B 121 4.34 -5.16 19.11
N LEU B 122 5.13 -6.22 19.00
CA LEU B 122 6.58 -6.03 18.89
C LEU B 122 6.97 -5.35 17.60
N CYS B 123 6.34 -5.75 16.49
CA CYS B 123 6.62 -5.14 15.20
CA CYS B 123 6.62 -5.13 15.20
C CYS B 123 6.37 -3.64 15.24
N LEU B 124 5.24 -3.23 15.84
CA LEU B 124 4.91 -1.81 15.88
C LEU B 124 5.92 -1.04 16.73
N LYS B 125 6.35 -1.61 17.86
CA LYS B 125 7.33 -0.92 18.69
C LYS B 125 8.66 -0.75 17.94
N ILE B 126 9.10 -1.80 17.24
CA ILE B 126 10.32 -1.71 16.44
C ILE B 126 10.17 -0.66 15.34
N ASN B 127 9.00 -0.63 14.70
CA ASN B 127 8.79 0.32 13.61
C ASN B 127 8.89 1.76 14.10
N VAL B 128 8.34 2.04 15.28
CA VAL B 128 8.45 3.37 15.89
C VAL B 128 9.91 3.69 16.21
N LYS B 129 10.64 2.73 16.78
CA LYS B 129 12.01 3.01 17.21
C LYS B 129 12.94 3.24 16.02
N LEU B 130 12.88 2.37 15.01
CA LEU B 130 13.79 2.52 13.88
C LEU B 130 13.28 3.51 12.84
N GLY B 131 12.02 3.92 12.91
CA GLY B 131 11.47 4.82 11.90
C GLY B 131 11.85 6.27 12.11
N PHE C 1 1.22 25.39 -31.57
CA PHE C 1 0.00 24.88 -30.97
C PHE C 1 -1.19 25.10 -31.91
N HIS C 2 -1.93 24.04 -32.22
CA HIS C 2 -3.12 24.14 -33.06
C HIS C 2 -4.36 24.28 -32.20
N THR C 3 -5.18 25.30 -32.48
CA THR C 3 -6.50 25.37 -31.89
C THR C 3 -7.49 24.53 -32.71
N GLY C 4 -8.61 24.19 -32.08
CA GLY C 4 -9.68 23.53 -32.80
C GLY C 4 -9.59 22.01 -32.91
N ILE C 5 -8.62 21.39 -32.23
CA ILE C 5 -8.56 19.93 -32.21
C ILE C 5 -9.69 19.39 -31.36
N GLU C 6 -10.33 18.31 -31.83
CA GLU C 6 -11.24 17.53 -31.01
C GLU C 6 -10.89 16.07 -31.23
N ILE C 7 -10.49 15.38 -30.16
CA ILE C 7 -10.10 13.97 -30.23
C ILE C 7 -11.28 13.16 -29.72
N LYS C 8 -12.02 12.55 -30.65
CA LYS C 8 -13.28 11.90 -30.35
C LYS C 8 -13.17 10.38 -30.22
N VAL C 9 -12.28 9.76 -30.97
CA VAL C 9 -12.14 8.30 -31.00
C VAL C 9 -10.68 7.98 -30.69
N TRP C 10 -10.41 7.50 -29.49
CA TRP C 10 -9.04 7.24 -29.05
C TRP C 10 -9.01 6.00 -28.16
N ALA C 11 -7.83 5.38 -28.07
CA ALA C 11 -7.68 4.12 -27.35
C ALA C 11 -6.50 4.19 -26.39
N ILE C 12 -6.49 3.26 -25.42
CA ILE C 12 -5.38 3.10 -24.51
C ILE C 12 -4.88 1.66 -24.60
N ALA C 13 -3.59 1.49 -24.82
CA ALA C 13 -2.95 0.18 -24.78
C ALA C 13 -1.90 0.25 -23.69
N CYS C 14 -2.04 -0.57 -22.65
CA CYS C 14 -1.14 -0.51 -21.50
C CYS C 14 -0.24 -1.73 -21.52
N PHE C 15 1.04 -1.51 -21.79
CA PHE C 15 2.00 -2.61 -21.86
C PHE C 15 2.77 -2.79 -20.56
N ALA C 16 2.47 -2.01 -19.58
CA ALA C 16 2.88 -2.28 -18.22
C ALA C 16 1.87 -3.22 -17.56
N PRO C 17 2.27 -4.06 -16.61
CA PRO C 17 1.31 -4.99 -16.00
C PRO C 17 0.30 -4.24 -15.15
N GLN C 18 -0.89 -4.85 -15.02
CA GLN C 18 -1.92 -4.26 -14.18
C GLN C 18 -1.45 -4.07 -12.75
N ARG C 19 -0.60 -4.97 -12.24
CA ARG C 19 -0.08 -4.83 -10.88
C ARG C 19 0.70 -3.52 -10.73
N GLN C 20 1.34 -3.04 -11.78
CA GLN C 20 2.03 -1.76 -11.73
C GLN C 20 1.10 -0.60 -12.03
N CYS C 21 0.25 -0.75 -13.04
CA CYS C 21 -0.60 0.33 -13.54
C CYS C 21 -2.05 -0.13 -13.40
N THR C 22 -2.66 0.18 -12.25
CA THR C 22 -3.93 -0.44 -11.91
C THR C 22 -5.10 0.29 -12.58
N GLU C 23 -6.29 -0.27 -12.37
CA GLU C 23 -7.48 0.35 -12.94
C GLU C 23 -7.69 1.77 -12.42
N VAL C 24 -7.43 1.99 -11.12
CA VAL C 24 -7.69 3.34 -10.61
C VAL C 24 -6.64 4.32 -11.13
N HIS C 25 -5.40 3.86 -11.36
CA HIS C 25 -4.40 4.68 -12.03
C HIS C 25 -4.88 5.09 -13.42
N LEU C 26 -5.35 4.12 -14.21
CA LEU C 26 -5.80 4.42 -15.58
C LEU C 26 -6.99 5.37 -15.59
N LYS C 27 -7.94 5.15 -14.69
CA LYS C 27 -9.16 5.96 -14.72
C LYS C 27 -8.89 7.36 -14.20
N SER C 28 -8.02 7.48 -13.19
CA SER C 28 -7.63 8.82 -12.71
C SER C 28 -6.86 9.58 -13.78
N PHE C 29 -5.89 8.92 -14.42
CA PHE C 29 -5.13 9.55 -15.49
C PHE C 29 -6.04 10.02 -16.62
N THR C 30 -6.96 9.16 -17.05
CA THR C 30 -7.92 9.53 -18.11
C THR C 30 -8.71 10.78 -17.74
N GLU C 31 -9.26 10.83 -16.53
CA GLU C 31 -10.08 11.97 -16.16
C GLU C 31 -9.24 13.24 -16.07
N GLN C 32 -8.02 13.14 -15.53
CA GLN C 32 -7.20 14.34 -15.44
C GLN C 32 -6.70 14.81 -16.79
N LEU C 33 -6.45 13.87 -17.71
CA LEU C 33 -6.10 14.22 -19.09
C LEU C 33 -7.28 14.85 -19.80
N ARG C 34 -8.47 14.30 -19.58
CA ARG C 34 -9.66 14.90 -20.18
C ARG C 34 -9.84 16.35 -19.74
N LYS C 35 -9.62 16.64 -18.44
CA LYS C 35 -9.87 17.98 -17.90
C LYS C 35 -8.86 19.01 -18.45
N ILE C 36 -7.57 18.67 -18.46
CA ILE C 36 -6.58 19.66 -18.89
C ILE C 36 -6.65 19.86 -20.40
N SER C 37 -6.93 18.80 -21.15
CA SER C 37 -7.01 18.94 -22.60
C SER C 37 -8.22 19.78 -23.01
N ARG C 38 -9.31 19.71 -22.25
CA ARG C 38 -10.46 20.58 -22.52
C ARG C 38 -10.14 22.04 -22.18
N ASP C 39 -9.50 22.28 -21.04
CA ASP C 39 -9.16 23.64 -20.66
C ASP C 39 -8.22 24.28 -21.67
N ALA C 40 -7.33 23.49 -22.27
CA ALA C 40 -6.38 24.01 -23.25
C ALA C 40 -6.95 24.00 -24.67
N GLY C 41 -8.24 23.76 -24.84
CA GLY C 41 -8.84 23.88 -26.16
C GLY C 41 -8.44 22.79 -27.15
N MET C 42 -8.04 21.62 -26.65
CA MET C 42 -7.82 20.44 -27.50
C MET C 42 -8.47 19.24 -26.84
N PRO C 43 -9.80 19.27 -26.65
CA PRO C 43 -10.43 18.30 -25.74
C PRO C 43 -10.30 16.87 -26.26
N ILE C 44 -9.79 16.01 -25.38
CA ILE C 44 -9.84 14.56 -25.57
C ILE C 44 -11.17 14.12 -24.99
N GLN C 45 -12.12 13.76 -25.85
CA GLN C 45 -13.53 13.69 -25.49
C GLN C 45 -13.94 12.28 -25.16
N GLY C 46 -14.76 12.12 -24.12
CA GLY C 46 -15.34 10.86 -23.76
C GLY C 46 -14.35 9.82 -23.23
N GLN C 47 -14.86 8.66 -22.86
CA GLN C 47 -14.00 7.55 -22.47
C GLN C 47 -13.30 6.98 -23.70
N PRO C 48 -12.16 6.31 -23.52
CA PRO C 48 -11.53 5.65 -24.67
C PRO C 48 -12.44 4.57 -25.22
N CYS C 49 -12.37 4.38 -26.54
CA CYS C 49 -13.14 3.31 -27.17
C CYS C 49 -12.60 1.93 -26.80
N PHE C 50 -11.39 1.86 -26.27
CA PHE C 50 -10.68 0.62 -26.04
C PHE C 50 -9.63 0.91 -24.98
N CYS C 51 -9.53 0.03 -23.98
CA CYS C 51 -8.51 0.20 -22.94
C CYS C 51 -8.18 -1.18 -22.41
N LYS C 52 -7.04 -1.73 -22.82
CA LYS C 52 -6.68 -3.10 -22.46
C LYS C 52 -5.20 -3.22 -22.15
N TYR C 53 -4.86 -4.24 -21.36
CA TYR C 53 -3.49 -4.59 -21.06
C TYR C 53 -2.96 -5.61 -22.07
N ALA C 54 -1.65 -5.54 -22.35
CA ALA C 54 -0.96 -6.54 -23.14
C ALA C 54 0.49 -6.61 -22.70
N GLN C 55 1.17 -7.68 -23.10
CA GLN C 55 2.55 -7.90 -22.69
C GLN C 55 3.39 -8.36 -23.87
N GLY C 56 4.52 -7.71 -24.06
CA GLY C 56 5.51 -8.16 -25.04
C GLY C 56 5.32 -7.51 -26.40
N ALA C 57 6.43 -7.44 -27.14
CA ALA C 57 6.41 -6.84 -28.46
C ALA C 57 5.58 -7.64 -29.45
N ASP C 58 5.50 -8.97 -29.26
CA ASP C 58 4.72 -9.80 -30.16
C ASP C 58 3.23 -9.50 -30.09
N SER C 59 2.75 -8.89 -29.01
CA SER C 59 1.34 -8.58 -28.91
C SER C 59 0.97 -7.26 -29.59
N VAL C 60 1.95 -6.49 -30.05
CA VAL C 60 1.67 -5.15 -30.58
C VAL C 60 0.91 -5.24 -31.89
N GLU C 61 1.48 -5.92 -32.88
CA GLU C 61 0.85 -5.94 -34.21
C GLU C 61 -0.55 -6.56 -34.20
N PRO C 62 -0.82 -7.70 -33.55
CA PRO C 62 -2.21 -8.18 -33.51
C PRO C 62 -3.16 -7.18 -32.91
N MET C 63 -2.76 -6.52 -31.83
CA MET C 63 -3.65 -5.56 -31.17
C MET C 63 -3.90 -4.34 -32.06
N PHE C 64 -2.86 -3.79 -32.66
CA PHE C 64 -3.06 -2.60 -33.48
C PHE C 64 -3.86 -2.93 -34.74
N ARG C 65 -3.64 -4.11 -35.32
CA ARG C 65 -4.48 -4.53 -36.44
C ARG C 65 -5.93 -4.64 -36.01
N HIS C 66 -6.18 -5.18 -34.81
CA HIS C 66 -7.54 -5.23 -34.29
C HIS C 66 -8.11 -3.84 -34.14
N LEU C 67 -7.33 -2.91 -33.56
CA LEU C 67 -7.81 -1.54 -33.35
C LEU C 67 -8.16 -0.87 -34.68
N LYS C 68 -7.29 -1.01 -35.68
CA LYS C 68 -7.52 -0.35 -36.96
C LYS C 68 -8.75 -0.90 -37.64
N ASN C 69 -8.98 -2.20 -37.54
CA ASN C 69 -10.14 -2.82 -38.20
C ASN C 69 -11.44 -2.54 -37.46
N THR C 70 -11.39 -2.44 -36.13
CA THR C 70 -12.61 -2.39 -35.33
C THR C 70 -13.16 -0.98 -35.15
N TYR C 71 -12.30 0.01 -34.96
CA TYR C 71 -12.73 1.36 -34.61
C TYR C 71 -12.44 2.30 -35.78
N ALA C 72 -13.41 2.47 -36.66
CA ALA C 72 -13.25 3.41 -37.75
C ALA C 72 -13.10 4.82 -37.20
N GLY C 73 -12.25 5.61 -37.87
CA GLY C 73 -12.04 6.97 -37.41
C GLY C 73 -11.20 7.09 -36.16
N LEU C 74 -10.60 5.99 -35.69
CA LEU C 74 -9.67 6.06 -34.58
C LEU C 74 -8.61 7.11 -34.86
N GLN C 75 -8.44 8.05 -33.92
CA GLN C 75 -7.51 9.16 -34.12
C GLN C 75 -6.19 8.97 -33.40
N LEU C 76 -6.16 8.18 -32.33
CA LEU C 76 -4.99 8.15 -31.47
C LEU C 76 -5.04 6.91 -30.58
N VAL C 77 -3.89 6.27 -30.44
CA VAL C 77 -3.68 5.24 -29.43
C VAL C 77 -2.66 5.77 -28.44
N VAL C 78 -3.08 5.92 -27.19
CA VAL C 78 -2.18 6.28 -26.09
C VAL C 78 -1.56 4.99 -25.57
N VAL C 79 -0.24 4.90 -25.64
CA VAL C 79 0.49 3.65 -25.37
C VAL C 79 1.28 3.83 -24.08
N ILE C 80 0.96 3.04 -23.06
CA ILE C 80 1.60 3.17 -21.76
C ILE C 80 2.75 2.16 -21.70
N LEU C 81 3.97 2.65 -21.49
CA LEU C 81 5.14 1.79 -21.44
C LEU C 81 5.80 1.87 -20.07
N PRO C 82 6.39 0.78 -19.59
CA PRO C 82 7.03 0.81 -18.27
C PRO C 82 8.33 1.58 -18.25
N GLY C 83 8.89 1.88 -19.42
CA GLY C 83 10.18 2.52 -19.55
C GLY C 83 10.81 2.05 -20.85
N LYS C 84 12.13 1.90 -20.88
CA LYS C 84 12.78 1.39 -22.06
C LYS C 84 12.33 -0.04 -22.32
N THR C 85 11.90 -0.33 -23.55
CA THR C 85 11.41 -1.67 -23.86
C THR C 85 11.45 -1.88 -25.36
N PRO C 86 11.69 -3.10 -25.84
CA PRO C 86 11.52 -3.38 -27.27
C PRO C 86 10.13 -3.11 -27.78
N VAL C 87 9.14 -3.00 -26.89
CA VAL C 87 7.77 -2.71 -27.31
C VAL C 87 7.70 -1.36 -27.99
N TYR C 88 8.50 -0.39 -27.53
CA TYR C 88 8.49 0.94 -28.15
C TYR C 88 8.83 0.87 -29.62
N ALA C 89 9.93 0.20 -29.97
CA ALA C 89 10.32 0.11 -31.38
C ALA C 89 9.25 -0.60 -32.19
N GLU C 90 8.64 -1.64 -31.61
CA GLU C 90 7.59 -2.34 -32.33
C GLU C 90 6.34 -1.47 -32.49
N VAL C 91 6.00 -0.68 -31.47
CA VAL C 91 4.86 0.22 -31.57
C VAL C 91 5.04 1.18 -32.74
N LYS C 92 6.23 1.76 -32.86
CA LYS C 92 6.48 2.72 -33.93
C LYS C 92 6.65 2.02 -35.28
N ARG C 93 7.19 0.79 -35.30
CA ARG C 93 7.26 0.05 -36.56
C ARG C 93 5.85 -0.20 -37.10
N VAL C 94 4.98 -0.73 -36.26
CA VAL C 94 3.63 -1.09 -36.70
C VAL C 94 2.80 0.16 -36.95
N GLY C 95 2.90 1.14 -36.06
CA GLY C 95 2.07 2.33 -36.19
C GLY C 95 2.54 3.25 -37.30
N ASP C 96 3.84 3.51 -37.37
CA ASP C 96 4.34 4.50 -38.32
C ASP C 96 4.48 3.94 -39.74
N THR C 97 4.90 2.68 -39.87
CA THR C 97 5.28 2.15 -41.18
C THR C 97 4.37 1.04 -41.72
N VAL C 98 3.63 0.34 -40.86
CA VAL C 98 2.80 -0.76 -41.33
C VAL C 98 1.36 -0.32 -41.53
N LEU C 99 0.74 0.24 -40.48
CA LEU C 99 -0.69 0.49 -40.48
C LEU C 99 -1.06 1.96 -40.60
N GLY C 100 -0.11 2.89 -40.45
CA GLY C 100 -0.41 4.30 -40.49
C GLY C 100 -1.37 4.75 -39.42
N MET C 101 -1.03 4.50 -38.16
CA MET C 101 -1.86 4.83 -37.02
C MET C 101 -1.07 5.72 -36.09
N ALA C 102 -1.67 6.83 -35.67
CA ALA C 102 -1.02 7.75 -34.73
C ALA C 102 -0.94 7.12 -33.35
N THR C 103 0.27 7.13 -32.78
CA THR C 103 0.46 6.61 -31.43
C THR C 103 1.21 7.63 -30.61
N GLN C 104 0.88 7.70 -29.32
CA GLN C 104 1.58 8.56 -28.38
C GLN C 104 1.93 7.73 -27.16
N CYS C 105 3.22 7.54 -26.91
CA CYS C 105 3.66 6.79 -25.75
C CYS C 105 3.77 7.68 -24.51
N VAL C 106 3.52 7.06 -23.35
CA VAL C 106 3.66 7.73 -22.06
C VAL C 106 4.26 6.73 -21.08
N GLN C 107 5.17 7.21 -20.24
CA GLN C 107 5.79 6.33 -19.25
C GLN C 107 4.82 6.04 -18.11
N MET C 108 4.88 4.81 -17.59
CA MET C 108 3.90 4.40 -16.59
C MET C 108 4.00 5.23 -15.31
N LYS C 109 5.20 5.71 -14.95
CA LYS C 109 5.31 6.52 -13.73
C LYS C 109 4.43 7.77 -13.80
N ASN C 110 4.20 8.29 -15.00
CA ASN C 110 3.35 9.47 -15.14
C ASN C 110 1.88 9.14 -15.27
N VAL C 111 1.54 7.86 -15.36
CA VAL C 111 0.14 7.42 -15.20
C VAL C 111 -0.14 7.06 -13.75
N GLN C 112 0.84 6.43 -13.08
CA GLN C 112 0.68 6.08 -11.68
C GLN C 112 0.48 7.30 -10.81
N ARG C 113 1.18 8.40 -11.13
CA ARG C 113 1.07 9.66 -10.38
C ARG C 113 1.11 10.79 -11.40
N THR C 114 -0.05 11.25 -11.83
CA THR C 114 -0.05 12.37 -12.77
C THR C 114 0.37 13.66 -12.07
N THR C 115 0.91 14.60 -12.85
CA THR C 115 1.13 15.97 -12.41
C THR C 115 0.65 16.89 -13.53
N PRO C 116 0.28 18.13 -13.22
CA PRO C 116 -0.07 19.04 -14.30
C PRO C 116 1.05 19.21 -15.31
N GLN C 117 2.31 19.22 -14.84
CA GLN C 117 3.42 19.43 -15.78
C GLN C 117 3.56 18.24 -16.74
N THR C 118 3.40 17.01 -16.25
CA THR C 118 3.56 15.89 -17.17
C THR C 118 2.33 15.68 -18.03
N LEU C 119 1.14 16.02 -17.53
CA LEU C 119 -0.04 16.00 -18.41
C LEU C 119 0.11 17.06 -19.50
N SER C 120 0.64 18.23 -19.15
CA SER C 120 0.88 19.27 -20.14
C SER C 120 1.90 18.80 -21.18
N ASN C 121 2.99 18.16 -20.74
CA ASN C 121 3.95 17.59 -21.70
C ASN C 121 3.24 16.70 -22.70
N LEU C 122 2.34 15.84 -22.21
CA LEU C 122 1.67 14.89 -23.09
C LEU C 122 0.71 15.60 -24.05
N CYS C 123 -0.05 16.58 -23.55
CA CYS C 123 -0.96 17.30 -24.46
C CYS C 123 -0.19 18.01 -25.57
N LEU C 124 0.95 18.62 -25.25
CA LEU C 124 1.72 19.30 -26.27
C LEU C 124 2.24 18.32 -27.32
N LYS C 125 2.66 17.13 -26.90
CA LYS C 125 3.09 16.12 -27.87
C LYS C 125 1.91 15.66 -28.73
N ILE C 126 0.75 15.44 -28.12
CA ILE C 126 -0.43 15.04 -28.90
C ILE C 126 -0.83 16.14 -29.88
N ASN C 127 -0.73 17.40 -29.44
CA ASN C 127 -1.15 18.52 -30.30
C ASN C 127 -0.28 18.60 -31.55
N VAL C 128 1.04 18.51 -31.37
CA VAL C 128 1.96 18.47 -32.52
C VAL C 128 1.58 17.34 -33.45
N LYS C 129 1.25 16.18 -32.88
CA LYS C 129 1.05 14.96 -33.66
C LYS C 129 -0.24 15.02 -34.47
N LEU C 130 -1.32 15.55 -33.90
CA LEU C 130 -2.63 15.51 -34.53
C LEU C 130 -3.07 16.83 -35.14
N GLY C 131 -2.48 17.95 -34.72
CA GLY C 131 -2.93 19.26 -35.20
C GLY C 131 -2.76 19.40 -36.69
N GLY C 132 -3.85 19.70 -37.40
CA GLY C 132 -3.80 19.86 -38.84
C GLY C 132 -3.86 18.58 -39.65
N VAL C 133 -3.83 17.41 -39.02
CA VAL C 133 -3.77 16.14 -39.73
C VAL C 133 -5.19 15.57 -39.87
N ASN C 134 -5.34 14.61 -40.78
CA ASN C 134 -6.65 14.06 -41.12
C ASN C 134 -6.69 12.54 -41.10
PA UTP D . -19.33 -2.50 -0.40
O1A UTP D . -18.79 -1.92 -1.65
O2A UTP D . -19.23 -1.55 0.74
O3A UTP D . -20.92 -2.92 -0.64
O5' UTP D . -18.46 -3.85 -0.05
PB UTP D . -21.86 -2.13 -1.75
O1B UTP D . -23.28 -2.52 -1.56
O2B UTP D . -21.70 -0.65 -1.57
O3B UTP D . -21.30 -2.56 -3.28
PG UTP D . -21.96 -3.77 -4.18
O1G UTP D . -21.22 -3.84 -5.49
O2G UTP D . -23.45 -3.45 -4.44
O3G UTP D . -21.82 -5.06 -3.45
C5' UTP D . -18.46 -4.91 -0.95
C4' UTP D . -17.71 -6.03 -0.25
O4' UTP D . -18.51 -6.62 0.60
C1' UTP D . -17.93 -8.11 0.69
C2' UTP D . -17.67 -8.45 -0.59
O2' UTP D . -16.53 -9.42 -0.65
C3' UTP D . -17.25 -7.14 -1.25
O3' UTP D . -15.89 -7.08 -1.37
N1 UTP D . -18.91 -8.97 1.29
C6 UTP D . -20.19 -8.87 0.95
C2 UTP D . -18.52 -9.88 2.22
O2 UTP D . -17.38 -9.96 2.52
N3 UTP D . -19.46 -10.69 2.81
C4 UTP D . -20.73 -10.60 2.47
O4 UTP D . -21.53 -11.32 2.97
C5 UTP D . -21.11 -9.70 1.54
PA UTP E . 10.83 -1.62 25.51
O1A UTP E . 9.73 -1.23 24.62
O2A UTP E . 12.07 -1.95 24.74
O3A UTP E . 11.19 -0.47 26.63
O5' UTP E . 10.40 -2.92 26.41
PB UTP E . 10.74 1.11 26.51
O1B UTP E . 11.49 1.85 27.55
O2B UTP E . 9.28 1.20 26.71
O3B UTP E . 11.15 1.65 24.97
PG UTP E . 10.58 3.05 24.38
O1G UTP E . 9.68 2.76 23.21
O2G UTP E . 11.79 3.92 23.92
O3G UTP E . 9.81 3.77 25.43
C5' UTP E . 9.16 -2.94 27.04
C4' UTP E . 8.94 -4.41 27.34
O4' UTP E . 9.76 -4.76 28.30
C1' UTP E . 8.88 -5.67 29.27
C2' UTP E . 7.70 -5.05 29.31
O2' UTP E . 6.60 -5.97 29.76
C3' UTP E . 7.49 -4.70 27.85
O3' UTP E . 7.00 -5.78 27.19
N1 UTP E . 9.51 -5.68 30.56
C6 UTP E . 9.83 -4.53 31.14
C2 UTP E . 9.79 -6.86 31.15
O2 UTP E . 9.52 -7.88 30.62
N3 UTP E . 10.40 -6.86 32.38
C4 UTP E . 10.71 -5.72 32.97
O4 UTP E . 11.23 -5.74 34.04
C5 UTP E . 10.43 -4.54 32.38
PA UTP F . 6.37 9.16 -28.74
O1A UTP F . 6.17 10.62 -28.58
O2A UTP F . 5.10 8.47 -29.05
O3A UTP F . 7.50 8.83 -29.93
O5' UTP F . 6.95 8.57 -27.31
PB UTP F . 7.97 9.89 -31.14
O1B UTP F . 6.82 10.13 -32.03
O2B UTP F . 8.41 11.18 -30.54
O3B UTP F . 9.22 9.18 -32.03
PG UTP F . 10.80 9.60 -32.03
O1G UTP F . 11.61 8.50 -31.43
O2G UTP F . 11.25 9.82 -33.45
O3G UTP F . 11.04 10.90 -31.21
C5' UTP F . 7.79 9.35 -26.53
C4' UTP F . 7.76 8.74 -25.14
O4' UTP F . 8.00 7.45 -25.22
C1' UTP F . 8.90 7.10 -23.95
C2' UTP F . 9.71 8.15 -23.78
O2' UTP F . 10.11 8.32 -22.35
C3' UTP F . 8.86 9.35 -24.22
O3' UTP F . 8.26 9.93 -23.14
N1 UTP F . 9.64 5.89 -24.22
C6 UTP F . 10.44 5.80 -25.28
C2 UTP F . 9.51 4.83 -23.39
O2 UTP F . 8.81 4.91 -22.44
N3 UTP F . 10.20 3.67 -23.63
C4 UTP F . 11.00 3.57 -24.69
O4 UTP F . 11.59 2.57 -24.90
C5 UTP F . 11.13 4.64 -25.53
#